data_2OCA
#
_entry.id   2OCA
#
_cell.length_a   118.640
_cell.length_b   155.200
_cell.length_c   101.520
_cell.angle_alpha   90.000
_cell.angle_beta   90.000
_cell.angle_gamma   90.000
#
_symmetry.space_group_name_H-M   'C 2 2 21'
#
loop_
_entity.id
_entity.type
_entity.pdbx_description
1 polymer 'ATP-dependent DNA helicase uvsW'
2 water water
#
_entity_poly.entity_id   1
_entity_poly.type   'polypeptide(L)'
_entity_poly.pdbx_seq_one_letter_code
;MDIKVHFHDFSHVRIDCEESTFHELRDFFSFEADGYRFNPRFRYGNWDGRIRLLDYNRLLPFGLVGQIKKFCDNFGYKAW
IDPQINEKEELSRKDFDEWLSKLEIYSGNKRIEPHWYQKDAVFEGLVNRRRILNLPTSAGRSLIQALLARYYLENYEGKI
LIIVPTTALTTQMADDFVDYRLFSHAMIKKIGGGASKDDKYKNDAPVVVGTWQTVVKQPKEWFSQFGMMMNDECHLATGK
SISSIISGLNNCMFKFGLSGSLRDGKANIMQYVGMFGEIFKPVTTSKLMEDGQVTELKINSIFLRYPDEFTTKLKGKTYQ
EEIKIITGLSKRNKWIAKLAIKLAQKDENAFVMFKHVSHGKAIFDLIKNEYDKVYYVSGEVDTETRNIMKTLAENGKGII
IVASYGVFSTGISVKNLHHVVLAHGVKSKIIVLQTIGRVLRKHGSKTIATVWDLIDDAGVKPKSANTKKKYVHLNYLLKH
GIDRIQRYADEKFNYVMKTVNLLEHHHHHH
;
_entity_poly.pdbx_strand_id   A
#
# COMPACT_ATOMS: atom_id res chain seq x y z
N MET A 1 -0.69 4.11 42.42
CA MET A 1 -0.32 2.83 41.77
C MET A 1 1.18 2.57 41.83
N ASP A 2 1.61 1.47 41.21
CA ASP A 2 3.02 1.10 41.19
C ASP A 2 3.84 1.95 40.23
N ILE A 3 3.26 2.21 39.07
CA ILE A 3 3.93 2.97 38.03
C ILE A 3 3.12 4.15 37.51
N LYS A 4 3.79 5.27 37.30
CA LYS A 4 3.16 6.45 36.77
C LYS A 4 3.93 6.85 35.51
N VAL A 5 3.21 7.02 34.40
CA VAL A 5 3.83 7.41 33.15
C VAL A 5 3.37 8.83 32.81
N HIS A 6 4.30 9.77 32.89
CA HIS A 6 4.02 11.18 32.61
C HIS A 6 4.42 11.59 31.21
N PHE A 7 3.81 12.66 30.73
CA PHE A 7 4.12 13.18 29.41
C PHE A 7 5.36 14.05 29.55
N HIS A 8 6.41 13.72 28.82
CA HIS A 8 7.65 14.49 28.88
C HIS A 8 7.63 15.39 27.65
N ASP A 9 7.83 14.79 26.48
CA ASP A 9 7.77 15.49 25.20
C ASP A 9 7.39 14.45 24.13
N PHE A 10 7.42 14.84 22.87
CA PHE A 10 7.03 13.92 21.81
C PHE A 10 8.02 12.82 21.40
N SER A 11 9.16 12.77 22.09
CA SER A 11 10.18 11.75 21.83
C SER A 11 10.25 10.71 22.95
N HIS A 12 9.97 11.13 24.19
CA HIS A 12 9.99 10.22 25.34
C HIS A 12 8.89 10.52 26.36
N VAL A 13 8.50 9.49 27.11
CA VAL A 13 7.53 9.64 28.19
C VAL A 13 8.44 9.43 29.40
N ARG A 14 8.02 9.93 30.56
CA ARG A 14 8.84 9.77 31.76
C ARG A 14 8.21 8.86 32.79
N ILE A 15 9.02 7.98 33.37
CA ILE A 15 8.51 7.04 34.34
C ILE A 15 8.90 7.28 35.80
N ASP A 16 7.91 7.16 36.67
CA ASP A 16 8.07 7.32 38.12
C ASP A 16 7.64 6.00 38.77
N CYS A 17 8.55 5.37 39.50
CA CYS A 17 8.25 4.11 40.15
C CYS A 17 9.27 3.76 41.22
N GLU A 18 9.13 2.60 41.82
CA GLU A 18 10.07 2.16 42.83
C GLU A 18 11.34 1.74 42.11
N GLU A 19 12.49 1.90 42.78
CA GLU A 19 13.76 1.52 42.19
C GLU A 19 13.75 0.04 41.76
N SER A 20 12.95 -0.77 42.44
CA SER A 20 12.87 -2.18 42.09
C SER A 20 12.13 -2.32 40.77
N THR A 21 11.01 -1.61 40.65
CA THR A 21 10.18 -1.63 39.45
C THR A 21 11.02 -1.10 38.29
N PHE A 22 11.81 -0.07 38.55
CA PHE A 22 12.65 0.51 37.52
C PHE A 22 13.60 -0.50 36.89
N HIS A 23 14.22 -1.37 37.69
CA HIS A 23 15.14 -2.35 37.12
C HIS A 23 14.45 -3.48 36.37
N GLU A 24 13.21 -3.78 36.74
CA GLU A 24 12.49 -4.83 36.03
C GLU A 24 12.14 -4.27 34.65
N LEU A 25 11.70 -3.01 34.62
CA LEU A 25 11.37 -2.35 33.38
C LEU A 25 12.59 -2.21 32.49
N ARG A 26 13.73 -1.88 33.10
CA ARG A 26 14.97 -1.68 32.37
C ARG A 26 15.39 -2.95 31.65
N ASP A 27 15.02 -4.10 32.21
CA ASP A 27 15.38 -5.36 31.54
C ASP A 27 14.29 -5.73 30.55
N PHE A 28 13.07 -5.29 30.84
CA PHE A 28 11.93 -5.55 29.95
C PHE A 28 12.27 -4.92 28.61
N PHE A 29 12.53 -3.61 28.62
CA PHE A 29 12.86 -2.88 27.41
C PHE A 29 14.31 -3.00 26.97
N SER A 30 14.70 -4.22 26.61
CA SER A 30 16.06 -4.46 26.16
C SER A 30 16.05 -5.58 25.13
N PHE A 31 17.18 -5.78 24.48
CA PHE A 31 17.29 -6.81 23.47
C PHE A 31 18.76 -7.10 23.24
N GLU A 32 19.04 -8.23 22.60
CA GLU A 32 20.38 -8.66 22.30
C GLU A 32 21.01 -7.88 21.15
N ALA A 33 22.14 -7.23 21.39
CA ALA A 33 22.82 -6.45 20.36
C ALA A 33 23.33 -7.31 19.22
N ASP A 34 23.41 -6.74 18.04
CA ASP A 34 23.90 -7.45 16.87
C ASP A 34 25.42 -7.41 16.86
N GLY A 35 26.05 -8.58 16.83
CA GLY A 35 27.50 -8.63 16.81
C GLY A 35 28.19 -8.32 18.12
N TYR A 36 27.46 -8.46 19.23
CA TYR A 36 28.00 -8.20 20.55
C TYR A 36 29.23 -9.03 20.89
N ARG A 37 29.42 -10.16 20.20
CA ARG A 37 30.59 -11.00 20.46
C ARG A 37 31.87 -10.32 20.03
N PHE A 38 31.78 -9.41 19.05
CA PHE A 38 32.97 -8.72 18.57
C PHE A 38 33.31 -7.49 19.40
N ASN A 39 32.44 -7.12 20.33
CA ASN A 39 32.67 -5.95 21.15
C ASN A 39 33.58 -6.26 22.33
N PRO A 40 34.72 -5.56 22.44
CA PRO A 40 35.68 -5.77 23.53
C PRO A 40 35.09 -5.55 24.92
N ARG A 41 34.02 -4.77 25.02
CA ARG A 41 33.39 -4.53 26.31
C ARG A 41 32.74 -5.84 26.74
N PHE A 42 32.42 -6.68 25.77
CA PHE A 42 31.80 -7.96 26.05
C PHE A 42 32.84 -9.03 26.30
N ARG A 43 33.82 -9.11 25.40
CA ARG A 43 34.87 -10.10 25.50
C ARG A 43 35.77 -9.95 26.70
N TYR A 44 36.06 -8.70 27.08
CA TYR A 44 36.97 -8.47 28.20
C TYR A 44 36.38 -7.62 29.31
N GLY A 45 35.19 -7.06 29.08
CA GLY A 45 34.62 -6.19 30.08
C GLY A 45 33.50 -6.68 30.97
N ASN A 46 32.51 -5.82 31.15
CA ASN A 46 31.37 -6.10 31.99
C ASN A 46 30.06 -6.00 31.24
N TRP A 47 30.11 -6.10 29.91
CA TRP A 47 28.89 -6.01 29.13
C TRP A 47 28.28 -7.36 28.83
N ASP A 48 26.98 -7.47 29.03
CA ASP A 48 26.27 -8.71 28.80
C ASP A 48 25.79 -8.82 27.35
N GLY A 49 26.01 -7.77 26.57
CA GLY A 49 25.62 -7.81 25.17
C GLY A 49 24.23 -7.33 24.83
N ARG A 50 23.46 -6.89 25.83
CA ARG A 50 22.13 -6.40 25.56
C ARG A 50 22.10 -4.88 25.55
N ILE A 51 21.15 -4.31 24.84
CA ILE A 51 21.02 -2.88 24.79
C ILE A 51 19.74 -2.55 25.54
N ARG A 52 19.79 -1.55 26.41
CA ARG A 52 18.61 -1.18 27.20
C ARG A 52 18.13 0.22 26.82
N LEU A 53 16.88 0.30 26.38
CA LEU A 53 16.32 1.58 25.96
C LEU A 53 15.82 2.47 27.09
N LEU A 54 15.83 1.97 28.32
CA LEU A 54 15.37 2.76 29.46
C LEU A 54 16.54 3.12 30.36
N ASP A 55 17.02 4.36 30.29
CA ASP A 55 18.14 4.79 31.12
C ASP A 55 17.68 5.38 32.46
N TYR A 56 18.65 5.62 33.34
CA TYR A 56 18.35 6.14 34.68
C TYR A 56 17.59 7.44 34.74
N ASN A 57 17.56 8.21 33.66
CA ASN A 57 16.81 9.45 33.70
C ASN A 57 15.33 9.10 33.63
N ARG A 58 15.04 7.80 33.49
CA ARG A 58 13.66 7.31 33.45
C ARG A 58 12.84 7.74 32.22
N LEU A 59 13.52 8.08 31.14
CA LEU A 59 12.84 8.47 29.91
C LEU A 59 12.75 7.29 28.95
N LEU A 60 11.53 6.96 28.52
CA LEU A 60 11.30 5.85 27.60
C LEU A 60 10.84 6.38 26.23
N PRO A 61 11.48 5.92 25.14
CA PRO A 61 11.07 6.38 23.80
C PRO A 61 9.54 6.33 23.70
N PHE A 62 8.94 7.46 23.33
CA PHE A 62 7.49 7.58 23.24
C PHE A 62 6.74 6.38 22.65
N GLY A 63 7.20 5.91 21.50
CA GLY A 63 6.54 4.78 20.84
C GLY A 63 6.44 3.45 21.55
N LEU A 64 7.16 3.27 22.65
CA LEU A 64 7.10 2.00 23.38
C LEU A 64 6.11 2.00 24.54
N VAL A 65 5.52 3.16 24.80
CA VAL A 65 4.58 3.31 25.91
C VAL A 65 3.46 2.28 25.91
N GLY A 66 2.90 1.98 24.74
CA GLY A 66 1.82 1.01 24.69
C GLY A 66 2.23 -0.38 25.17
N GLN A 67 3.52 -0.57 25.41
CA GLN A 67 4.03 -1.86 25.86
C GLN A 67 4.06 -1.96 27.39
N ILE A 68 3.74 -0.85 28.06
CA ILE A 68 3.72 -0.84 29.52
C ILE A 68 2.59 -1.74 30.02
N LYS A 69 1.45 -1.68 29.32
CA LYS A 69 0.30 -2.48 29.67
C LYS A 69 0.75 -3.94 29.81
N LYS A 70 1.46 -4.44 28.81
CA LYS A 70 1.95 -5.82 28.83
C LYS A 70 2.88 -6.08 30.02
N PHE A 71 3.70 -5.10 30.35
CA PHE A 71 4.63 -5.25 31.47
C PHE A 71 3.87 -5.50 32.76
N CYS A 72 2.82 -4.73 32.99
CA CYS A 72 2.01 -4.86 34.19
C CYS A 72 1.29 -6.20 34.28
N ASP A 73 0.71 -6.65 33.17
CA ASP A 73 -0.01 -7.91 33.18
C ASP A 73 0.94 -9.07 33.43
N ASN A 74 2.23 -8.87 33.13
CA ASN A 74 3.22 -9.92 33.31
C ASN A 74 3.89 -9.87 34.68
N PHE A 75 3.87 -8.71 35.31
CA PHE A 75 4.48 -8.58 36.63
C PHE A 75 3.44 -8.17 37.67
N GLY A 76 2.18 -8.21 37.27
CA GLY A 76 1.11 -7.86 38.18
C GLY A 76 1.29 -6.51 38.85
N TYR A 77 1.40 -5.47 38.04
CA TYR A 77 1.55 -4.11 38.55
C TYR A 77 0.35 -3.34 38.04
N LYS A 78 0.09 -2.20 38.66
CA LYS A 78 -1.01 -1.35 38.22
C LYS A 78 -0.37 -0.02 37.90
N ALA A 79 -0.64 0.49 36.69
CA ALA A 79 -0.04 1.75 36.27
C ALA A 79 -1.01 2.81 35.78
N TRP A 80 -0.63 4.05 36.00
CA TRP A 80 -1.40 5.21 35.58
C TRP A 80 -0.66 5.87 34.40
N ILE A 81 -1.38 6.12 33.31
CA ILE A 81 -0.77 6.76 32.15
C ILE A 81 -1.41 8.11 31.82
N ASP A 82 -0.58 9.15 31.82
CA ASP A 82 -1.03 10.51 31.52
C ASP A 82 -1.87 10.47 30.25
N PRO A 83 -3.15 10.86 30.34
CA PRO A 83 -4.04 10.86 29.18
C PRO A 83 -3.52 11.60 27.95
N GLN A 84 -2.66 12.59 28.13
CA GLN A 84 -2.17 13.29 26.95
C GLN A 84 -1.19 12.46 26.14
N ILE A 85 -0.79 11.31 26.67
CA ILE A 85 0.10 10.44 25.94
C ILE A 85 -0.72 9.69 24.90
N ASN A 86 -1.98 9.39 25.24
CA ASN A 86 -2.86 8.65 24.33
C ASN A 86 -3.82 9.53 23.53
N GLU A 87 -3.55 10.83 23.52
CA GLU A 87 -4.38 11.77 22.78
C GLU A 87 -4.38 11.37 21.29
N LYS A 88 -5.54 11.48 20.64
CA LYS A 88 -5.66 11.13 19.23
C LYS A 88 -6.12 12.36 18.46
N GLU A 89 -6.03 12.33 17.15
CA GLU A 89 -6.49 13.47 16.36
C GLU A 89 -8.02 13.49 16.42
N GLU A 90 -8.58 14.70 16.43
CA GLU A 90 -10.02 14.88 16.42
C GLU A 90 -10.34 14.83 14.92
N LEU A 91 -10.47 13.63 14.40
CA LEU A 91 -10.73 13.43 12.98
C LEU A 91 -11.54 12.17 12.77
N SER A 92 -12.81 12.32 12.40
CA SER A 92 -13.68 11.16 12.17
C SER A 92 -13.38 10.63 10.77
N ARG A 93 -13.67 9.36 10.54
CA ARG A 93 -13.42 8.79 9.22
C ARG A 93 -14.24 9.55 8.16
N LYS A 94 -15.40 10.06 8.57
CA LYS A 94 -16.26 10.80 7.65
C LYS A 94 -15.61 12.11 7.19
N ASP A 95 -15.04 12.85 8.14
CA ASP A 95 -14.38 14.09 7.80
C ASP A 95 -13.15 13.82 6.95
N PHE A 96 -12.47 12.72 7.25
CA PHE A 96 -11.28 12.36 6.51
C PHE A 96 -11.63 12.12 5.06
N ASP A 97 -12.66 11.31 4.81
CA ASP A 97 -13.05 11.02 3.45
C ASP A 97 -13.51 12.30 2.75
N GLU A 98 -14.25 13.14 3.48
CA GLU A 98 -14.72 14.40 2.94
C GLU A 98 -13.52 15.24 2.50
N TRP A 99 -12.50 15.32 3.37
CA TRP A 99 -11.29 16.09 3.09
C TRP A 99 -10.61 15.54 1.84
N LEU A 100 -10.49 14.23 1.83
CA LEU A 100 -9.86 13.53 0.73
C LEU A 100 -10.60 13.73 -0.59
N SER A 101 -11.93 13.67 -0.54
CA SER A 101 -12.74 13.83 -1.75
C SER A 101 -12.58 15.19 -2.39
N LYS A 102 -12.29 16.20 -1.58
CA LYS A 102 -12.15 17.54 -2.12
C LYS A 102 -10.75 17.86 -2.60
N LEU A 103 -9.87 16.86 -2.66
CA LEU A 103 -8.49 17.04 -3.10
C LEU A 103 -8.32 16.64 -4.56
N GLU A 104 -7.59 17.47 -5.32
CA GLU A 104 -7.36 17.16 -6.72
C GLU A 104 -5.96 16.58 -6.85
N ILE A 105 -5.89 15.25 -6.82
CA ILE A 105 -4.61 14.57 -6.92
C ILE A 105 -4.40 14.09 -8.34
N TYR A 106 -3.19 14.32 -8.86
CA TYR A 106 -2.87 13.93 -10.23
C TYR A 106 -1.71 12.97 -10.41
N SER A 107 -1.59 12.51 -11.65
CA SER A 107 -0.55 11.62 -12.12
C SER A 107 -0.42 12.09 -13.55
N GLY A 108 0.54 12.97 -13.79
CA GLY A 108 0.66 13.52 -15.13
C GLY A 108 -0.52 14.47 -15.24
N ASN A 109 -1.36 14.30 -16.25
CA ASN A 109 -2.53 15.15 -16.44
C ASN A 109 -3.81 14.43 -16.07
N LYS A 110 -3.67 13.20 -15.62
CA LYS A 110 -4.79 12.36 -15.25
C LYS A 110 -5.12 12.54 -13.76
N ARG A 111 -6.39 12.80 -13.47
CA ARG A 111 -6.85 12.96 -12.10
C ARG A 111 -6.92 11.54 -11.54
N ILE A 112 -6.59 11.35 -10.26
CA ILE A 112 -6.64 10.01 -9.68
C ILE A 112 -7.09 9.99 -8.23
N GLU A 113 -7.34 8.79 -7.72
CA GLU A 113 -7.75 8.62 -6.33
C GLU A 113 -6.92 7.57 -5.62
N PRO A 114 -6.74 7.72 -4.30
CA PRO A 114 -5.97 6.78 -3.49
C PRO A 114 -6.69 5.44 -3.32
N HIS A 115 -5.92 4.36 -3.35
CA HIS A 115 -6.48 3.03 -3.18
C HIS A 115 -6.95 2.91 -1.73
N TRP A 116 -7.75 1.89 -1.43
CA TRP A 116 -8.26 1.74 -0.08
C TRP A 116 -7.14 1.57 0.95
N TYR A 117 -6.15 0.73 0.65
CA TYR A 117 -5.06 0.50 1.59
C TYR A 117 -4.22 1.74 1.82
N GLN A 118 -4.22 2.66 0.87
CA GLN A 118 -3.48 3.90 1.02
C GLN A 118 -4.23 4.84 1.96
N LYS A 119 -5.55 4.91 1.80
CA LYS A 119 -6.37 5.76 2.64
C LYS A 119 -6.40 5.26 4.09
N ASP A 120 -6.47 3.96 4.27
CA ASP A 120 -6.48 3.39 5.61
C ASP A 120 -5.15 3.65 6.33
N ALA A 121 -4.05 3.66 5.57
CA ALA A 121 -2.75 3.91 6.17
C ALA A 121 -2.68 5.37 6.63
N VAL A 122 -3.10 6.28 5.75
CA VAL A 122 -3.08 7.70 6.10
C VAL A 122 -4.00 7.94 7.29
N PHE A 123 -5.21 7.41 7.23
CA PHE A 123 -6.15 7.61 8.32
C PHE A 123 -5.60 7.11 9.66
N GLU A 124 -5.07 5.89 9.67
CA GLU A 124 -4.49 5.31 10.87
C GLU A 124 -3.31 6.13 11.37
N GLY A 125 -2.42 6.52 10.46
CA GLY A 125 -1.29 7.32 10.86
C GLY A 125 -1.79 8.60 11.52
N LEU A 126 -2.62 9.33 10.80
CA LEU A 126 -3.16 10.59 11.31
C LEU A 126 -3.87 10.50 12.66
N VAL A 127 -4.82 9.58 12.81
CA VAL A 127 -5.55 9.47 14.07
C VAL A 127 -4.67 9.11 15.25
N ASN A 128 -3.71 8.22 15.02
CA ASN A 128 -2.81 7.78 16.07
C ASN A 128 -1.51 8.54 16.22
N ARG A 129 -1.29 9.51 15.35
CA ARG A 129 -0.10 10.35 15.39
C ARG A 129 1.24 9.68 15.05
N ARG A 130 1.51 8.51 15.61
CA ARG A 130 2.76 7.84 15.31
C ARG A 130 2.55 6.36 15.08
N ARG A 131 3.09 5.88 13.96
CA ARG A 131 2.90 4.49 13.60
C ARG A 131 3.91 4.02 12.54
N ILE A 132 4.15 2.73 12.49
CA ILE A 132 5.04 2.16 11.48
C ILE A 132 4.05 1.63 10.44
N LEU A 133 4.08 2.18 9.24
CA LEU A 133 3.16 1.77 8.21
C LEU A 133 3.78 0.66 7.41
N ASN A 134 3.27 -0.54 7.62
CA ASN A 134 3.75 -1.74 6.97
C ASN A 134 3.06 -1.95 5.62
N LEU A 135 3.72 -1.45 4.56
CA LEU A 135 3.22 -1.56 3.19
C LEU A 135 4.37 -1.83 2.22
N PRO A 136 4.12 -2.67 1.20
CA PRO A 136 5.15 -3.01 0.21
C PRO A 136 5.57 -1.78 -0.58
N THR A 137 6.61 -1.94 -1.39
CA THR A 137 7.12 -0.81 -2.19
C THR A 137 6.07 -0.39 -3.22
N SER A 138 5.32 -1.36 -3.71
CA SER A 138 4.23 -1.05 -4.64
C SER A 138 3.22 -0.45 -3.66
N ALA A 139 2.02 -0.11 -4.12
CA ALA A 139 1.08 0.51 -3.18
C ALA A 139 1.52 1.94 -2.93
N GLY A 140 2.36 2.45 -3.82
CA GLY A 140 2.86 3.81 -3.73
C GLY A 140 2.79 4.48 -2.38
N ARG A 141 3.86 4.38 -1.61
CA ARG A 141 3.92 5.00 -0.30
C ARG A 141 4.13 6.49 -0.54
N SER A 142 4.70 6.79 -1.69
CA SER A 142 4.95 8.16 -2.09
C SER A 142 3.72 9.02 -1.83
N LEU A 143 2.58 8.58 -2.36
CA LEU A 143 1.33 9.30 -2.19
C LEU A 143 0.87 9.29 -0.74
N ILE A 144 1.16 8.20 -0.04
CA ILE A 144 0.77 8.14 1.36
C ILE A 144 1.48 9.24 2.13
N GLN A 145 2.77 9.41 1.85
CA GLN A 145 3.55 10.42 2.55
C GLN A 145 3.07 11.81 2.19
N ALA A 146 2.79 12.02 0.91
CA ALA A 146 2.29 13.31 0.45
C ALA A 146 0.98 13.67 1.15
N LEU A 147 0.08 12.71 1.29
CA LEU A 147 -1.20 12.99 1.96
C LEU A 147 -0.99 13.31 3.43
N LEU A 148 -0.12 12.56 4.11
CA LEU A 148 0.15 12.82 5.52
C LEU A 148 0.72 14.23 5.66
N ALA A 149 1.67 14.56 4.78
CA ALA A 149 2.32 15.87 4.79
C ALA A 149 1.31 16.97 4.47
N ARG A 150 0.42 16.73 3.51
CA ARG A 150 -0.58 17.72 3.13
C ARG A 150 -1.49 18.05 4.33
N TYR A 151 -2.00 17.01 4.97
CA TYR A 151 -2.86 17.19 6.14
C TYR A 151 -2.17 18.05 7.20
N TYR A 152 -0.94 17.69 7.54
CA TYR A 152 -0.19 18.43 8.54
C TYR A 152 -0.12 19.90 8.17
N LEU A 153 0.35 20.17 6.97
CA LEU A 153 0.47 21.54 6.46
C LEU A 153 -0.81 22.34 6.64
N GLU A 154 -1.96 21.74 6.35
CA GLU A 154 -3.23 22.43 6.47
C GLU A 154 -3.73 22.59 7.91
N ASN A 155 -3.20 21.82 8.84
CA ASN A 155 -3.68 21.92 10.22
C ASN A 155 -2.69 22.33 11.29
N TYR A 156 -1.40 22.36 10.97
CA TYR A 156 -0.40 22.74 11.96
C TYR A 156 0.67 23.69 11.47
N GLU A 157 1.42 24.27 12.40
CA GLU A 157 2.46 25.25 12.10
C GLU A 157 3.90 24.79 11.89
N GLY A 158 4.26 23.62 12.39
CA GLY A 158 5.64 23.19 12.22
C GLY A 158 6.00 22.75 10.81
N LYS A 159 7.23 22.27 10.64
CA LYS A 159 7.66 21.78 9.36
C LYS A 159 7.54 20.26 9.35
N ILE A 160 7.68 19.68 8.17
CA ILE A 160 7.59 18.24 8.00
C ILE A 160 8.93 17.76 7.46
N LEU A 161 9.51 16.76 8.12
CA LEU A 161 10.81 16.21 7.73
C LEU A 161 10.65 14.81 7.16
N ILE A 162 11.20 14.57 5.99
CA ILE A 162 11.10 13.27 5.36
C ILE A 162 12.49 12.69 5.08
N ILE A 163 12.73 11.49 5.58
CA ILE A 163 14.01 10.85 5.40
C ILE A 163 13.91 9.67 4.44
N VAL A 164 14.76 9.67 3.43
CA VAL A 164 14.79 8.60 2.46
C VAL A 164 16.19 7.98 2.42
N PRO A 165 16.34 6.79 1.81
CA PRO A 165 17.62 6.08 1.71
C PRO A 165 18.72 6.77 0.90
N THR A 166 18.44 7.04 -0.37
CA THR A 166 19.44 7.66 -1.25
C THR A 166 19.08 9.07 -1.71
N THR A 167 20.06 9.74 -2.33
CA THR A 167 19.82 11.09 -2.84
C THR A 167 18.89 11.04 -4.04
N ALA A 168 18.93 9.94 -4.79
CA ALA A 168 18.08 9.80 -5.97
C ALA A 168 16.62 9.80 -5.50
N LEU A 169 16.37 9.06 -4.43
CA LEU A 169 15.02 8.98 -3.88
C LEU A 169 14.63 10.34 -3.31
N THR A 170 15.62 11.09 -2.85
CA THR A 170 15.35 12.42 -2.32
C THR A 170 14.66 13.21 -3.43
N THR A 171 15.22 13.12 -4.62
CA THR A 171 14.70 13.80 -5.79
C THR A 171 13.37 13.22 -6.23
N GLN A 172 13.30 11.89 -6.29
CA GLN A 172 12.08 11.22 -6.72
C GLN A 172 10.92 11.65 -5.83
N MET A 173 11.15 11.70 -4.52
CA MET A 173 10.13 12.06 -3.56
C MET A 173 9.59 13.46 -3.85
N ALA A 174 10.50 14.40 -4.05
CA ALA A 174 10.10 15.77 -4.33
C ALA A 174 9.31 15.85 -5.63
N ASP A 175 9.87 15.27 -6.69
CA ASP A 175 9.21 15.28 -7.98
C ASP A 175 7.83 14.66 -7.94
N ASP A 176 7.67 13.60 -7.16
CA ASP A 176 6.37 12.95 -7.04
C ASP A 176 5.38 13.86 -6.32
N PHE A 177 5.88 14.53 -5.28
CA PHE A 177 5.04 15.43 -4.52
C PHE A 177 4.43 16.48 -5.39
N VAL A 178 5.20 17.01 -6.34
CA VAL A 178 4.65 18.04 -7.20
C VAL A 178 3.76 17.40 -8.25
N ASP A 179 4.14 16.22 -8.73
CA ASP A 179 3.35 15.53 -9.72
C ASP A 179 1.92 15.38 -9.23
N TYR A 180 1.74 14.92 -8.00
CA TYR A 180 0.40 14.79 -7.44
C TYR A 180 -0.30 16.15 -7.42
N ARG A 181 0.50 17.21 -7.48
CA ARG A 181 0.01 18.59 -7.44
C ARG A 181 -0.51 18.90 -6.04
N LEU A 182 0.13 18.33 -5.04
CA LEU A 182 -0.26 18.52 -3.64
C LEU A 182 0.74 19.46 -2.98
N PHE A 183 1.84 19.67 -3.70
CA PHE A 183 2.93 20.54 -3.27
C PHE A 183 3.62 21.11 -4.52
N SER A 184 4.39 22.17 -4.31
CA SER A 184 5.15 22.81 -5.38
C SER A 184 6.61 22.72 -4.93
N HIS A 185 7.54 22.70 -5.87
CA HIS A 185 8.96 22.62 -5.52
C HIS A 185 9.44 23.68 -4.54
N ALA A 186 8.80 24.85 -4.53
CA ALA A 186 9.18 25.91 -3.62
C ALA A 186 8.88 25.51 -2.17
N MET A 187 7.93 24.60 -2.00
CA MET A 187 7.54 24.14 -0.68
C MET A 187 8.36 22.94 -0.22
N ILE A 188 9.23 22.43 -1.09
CA ILE A 188 10.04 21.27 -0.74
C ILE A 188 11.54 21.52 -0.85
N LYS A 189 12.20 21.60 0.30
CA LYS A 189 13.65 21.83 0.34
C LYS A 189 14.42 20.52 0.45
N LYS A 190 15.16 20.21 -0.60
CA LYS A 190 15.98 19.00 -0.65
C LYS A 190 17.34 19.35 -0.05
N ILE A 191 17.86 18.49 0.82
CA ILE A 191 19.15 18.75 1.44
C ILE A 191 20.18 17.64 1.11
N GLY A 192 21.45 17.94 1.33
CA GLY A 192 22.46 16.95 1.01
C GLY A 192 22.63 16.85 -0.50
N GLY A 193 23.21 15.74 -0.95
CA GLY A 193 23.45 15.55 -2.37
C GLY A 193 22.25 15.68 -3.30
N GLY A 194 21.05 15.53 -2.75
CA GLY A 194 19.86 15.63 -3.59
C GLY A 194 19.40 17.05 -3.85
N ALA A 195 20.15 18.02 -3.33
CA ALA A 195 19.80 19.43 -3.48
C ALA A 195 20.05 20.00 -4.87
N SER A 196 19.19 20.94 -5.26
CA SER A 196 19.30 21.64 -6.54
C SER A 196 19.95 22.98 -6.23
N LYS A 197 20.34 23.70 -7.27
CA LYS A 197 20.99 24.98 -7.07
C LYS A 197 20.12 26.05 -6.42
N ASP A 198 18.82 25.77 -6.28
CA ASP A 198 17.92 26.74 -5.68
C ASP A 198 17.34 26.32 -4.33
N ASP A 199 17.74 25.16 -3.82
CA ASP A 199 17.23 24.72 -2.53
C ASP A 199 17.77 25.59 -1.40
N LYS A 200 18.86 26.32 -1.68
CA LYS A 200 19.45 27.18 -0.66
C LYS A 200 18.58 28.41 -0.33
N TYR A 201 17.63 28.73 -1.19
CA TYR A 201 16.76 29.88 -0.94
C TYR A 201 15.53 29.46 -0.14
N LYS A 202 15.23 28.16 -0.19
CA LYS A 202 14.04 27.63 0.49
C LYS A 202 14.12 27.43 2.01
N ASN A 203 14.59 28.43 2.74
CA ASN A 203 14.69 28.33 4.20
C ASN A 203 13.36 28.21 4.96
N ASP A 204 12.28 28.71 4.39
CA ASP A 204 10.98 28.66 5.07
C ASP A 204 10.06 27.54 4.58
N ALA A 205 10.54 26.74 3.63
CA ALA A 205 9.76 25.63 3.07
C ALA A 205 9.24 24.70 4.18
N PRO A 206 7.95 24.37 4.14
CA PRO A 206 7.37 23.50 5.15
C PRO A 206 7.80 22.04 5.06
N VAL A 207 8.42 21.64 3.95
CA VAL A 207 8.87 20.27 3.78
C VAL A 207 10.37 20.15 3.52
N VAL A 208 11.05 19.33 4.32
CA VAL A 208 12.48 19.11 4.17
C VAL A 208 12.72 17.64 3.83
N VAL A 209 13.47 17.38 2.76
CA VAL A 209 13.75 16.01 2.34
C VAL A 209 15.25 15.73 2.27
N GLY A 210 15.68 14.63 2.88
CA GLY A 210 17.08 14.29 2.87
C GLY A 210 17.35 12.85 3.29
N THR A 211 18.62 12.48 3.31
CA THR A 211 19.04 11.14 3.70
C THR A 211 19.50 11.11 5.14
N TRP A 212 19.58 9.91 5.70
CA TRP A 212 20.03 9.74 7.08
C TRP A 212 21.43 10.32 7.26
N GLN A 213 22.29 10.10 6.27
CA GLN A 213 23.66 10.58 6.32
C GLN A 213 23.73 12.11 6.48
N THR A 214 22.82 12.83 5.83
CA THR A 214 22.82 14.27 5.95
C THR A 214 22.14 14.73 7.24
N VAL A 215 20.93 14.24 7.47
CA VAL A 215 20.16 14.57 8.66
C VAL A 215 20.96 14.41 9.95
N VAL A 216 21.68 13.31 10.06
CA VAL A 216 22.47 13.01 11.24
C VAL A 216 23.55 14.06 11.52
N LYS A 217 23.95 14.81 10.50
CA LYS A 217 24.96 15.84 10.69
C LYS A 217 24.36 17.16 11.20
N GLN A 218 23.05 17.20 11.40
CA GLN A 218 22.42 18.43 11.89
C GLN A 218 22.46 18.54 13.41
N PRO A 219 22.54 19.77 13.92
CA PRO A 219 22.57 20.02 15.37
C PRO A 219 21.21 19.81 16.00
N LYS A 220 21.22 19.34 17.25
CA LYS A 220 20.01 19.07 18.01
C LYS A 220 18.91 20.12 17.80
N GLU A 221 19.28 21.39 17.90
CA GLU A 221 18.32 22.48 17.76
C GLU A 221 17.54 22.45 16.46
N TRP A 222 18.23 22.20 15.35
CA TRP A 222 17.62 22.14 14.03
C TRP A 222 16.35 21.28 14.01
N PHE A 223 16.33 20.25 14.83
CA PHE A 223 15.21 19.33 14.90
C PHE A 223 13.96 19.83 15.60
N SER A 224 14.08 20.95 16.32
CA SER A 224 12.91 21.49 17.03
C SER A 224 11.81 22.05 16.14
N GLN A 225 12.14 22.32 14.89
CA GLN A 225 11.18 22.91 13.98
C GLN A 225 10.19 21.95 13.35
N PHE A 226 10.45 20.65 13.43
CA PHE A 226 9.54 19.71 12.80
C PHE A 226 8.42 19.19 13.67
N GLY A 227 7.21 19.21 13.12
CA GLY A 227 6.04 18.72 13.83
C GLY A 227 5.70 17.32 13.36
N MET A 228 6.21 16.95 12.19
CA MET A 228 6.00 15.63 11.62
C MET A 228 7.28 15.11 10.99
N MET A 229 7.49 13.81 11.09
CA MET A 229 8.69 13.20 10.54
C MET A 229 8.34 11.84 9.95
N MET A 230 8.90 11.53 8.78
CA MET A 230 8.62 10.25 8.13
C MET A 230 9.91 9.65 7.62
N ASN A 231 9.99 8.33 7.63
CA ASN A 231 11.17 7.64 7.12
C ASN A 231 10.71 6.51 6.20
N ASP A 232 10.94 6.70 4.91
CA ASP A 232 10.56 5.69 3.92
C ASP A 232 11.66 4.64 3.88
N GLU A 233 11.28 3.37 3.77
CA GLU A 233 12.24 2.26 3.77
C GLU A 233 13.03 2.36 5.06
N CYS A 234 12.32 2.59 6.17
CA CYS A 234 12.93 2.75 7.48
C CYS A 234 13.68 1.52 7.98
N HIS A 235 13.51 0.37 7.34
CA HIS A 235 14.22 -0.81 7.77
C HIS A 235 15.72 -0.66 7.45
N LEU A 236 16.06 0.38 6.70
CA LEU A 236 17.46 0.60 6.36
C LEU A 236 18.07 1.53 7.39
N ALA A 237 17.24 2.00 8.31
CA ALA A 237 17.72 2.90 9.35
C ALA A 237 18.39 2.11 10.47
N THR A 238 19.54 2.59 10.92
CA THR A 238 20.29 1.93 11.97
C THR A 238 19.94 2.52 13.32
N GLY A 239 20.06 1.70 14.37
CA GLY A 239 19.76 2.19 15.71
C GLY A 239 20.64 3.38 16.06
N LYS A 240 21.88 3.36 15.58
CA LYS A 240 22.78 4.45 15.86
C LYS A 240 22.18 5.75 15.33
N SER A 241 21.70 5.72 14.09
CA SER A 241 21.09 6.89 13.48
C SER A 241 19.85 7.36 14.23
N ILE A 242 18.92 6.44 14.48
CA ILE A 242 17.70 6.78 15.20
C ILE A 242 18.04 7.39 16.54
N SER A 243 18.91 6.72 17.28
CA SER A 243 19.29 7.20 18.59
C SER A 243 19.95 8.58 18.53
N SER A 244 20.52 8.90 17.37
CA SER A 244 21.21 10.17 17.16
C SER A 244 20.31 11.41 17.06
N ILE A 245 19.10 11.25 16.52
CA ILE A 245 18.20 12.39 16.36
C ILE A 245 16.95 12.28 17.22
N ILE A 246 16.69 11.09 17.74
CA ILE A 246 15.51 10.88 18.57
C ILE A 246 15.20 12.01 19.54
N SER A 247 16.18 12.45 20.32
CA SER A 247 15.91 13.50 21.31
C SER A 247 15.72 14.91 20.78
N GLY A 248 16.10 15.15 19.53
CA GLY A 248 15.92 16.48 18.97
C GLY A 248 14.53 16.70 18.45
N LEU A 249 13.86 15.60 18.09
CA LEU A 249 12.50 15.66 17.57
C LEU A 249 11.47 15.75 18.72
N ASN A 250 11.75 16.63 19.67
CA ASN A 250 10.88 16.77 20.84
C ASN A 250 9.47 17.38 20.63
N ASN A 251 9.26 18.06 19.51
CA ASN A 251 7.94 18.64 19.24
C ASN A 251 7.31 17.93 18.07
N CYS A 252 7.92 16.83 17.67
CA CYS A 252 7.45 16.05 16.54
C CYS A 252 6.32 15.14 16.98
N MET A 253 5.13 15.73 17.04
CA MET A 253 3.91 15.05 17.43
C MET A 253 3.54 13.88 16.49
N PHE A 254 3.90 13.99 15.22
CA PHE A 254 3.60 12.96 14.20
C PHE A 254 4.89 12.27 13.71
N LYS A 255 4.92 10.95 13.77
CA LYS A 255 6.09 10.21 13.31
C LYS A 255 5.70 8.91 12.60
N PHE A 256 6.22 8.70 11.41
CA PHE A 256 5.91 7.48 10.66
C PHE A 256 7.14 6.89 10.00
N GLY A 257 7.24 5.57 10.09
CA GLY A 257 8.31 4.85 9.45
C GLY A 257 7.56 3.96 8.49
N LEU A 258 7.90 3.99 7.21
CA LEU A 258 7.20 3.15 6.26
C LEU A 258 8.13 2.07 5.71
N SER A 259 7.61 0.85 5.63
CA SER A 259 8.40 -0.26 5.13
C SER A 259 7.60 -1.52 4.91
N GLY A 260 8.11 -2.37 4.03
CA GLY A 260 7.47 -3.63 3.74
C GLY A 260 8.49 -4.75 3.93
N SER A 261 9.54 -4.45 4.69
CA SER A 261 10.60 -5.43 4.94
C SER A 261 11.10 -5.32 6.38
N LEU A 262 10.17 -5.12 7.31
CA LEU A 262 10.51 -4.99 8.71
C LEU A 262 11.39 -6.10 9.22
N ARG A 263 11.38 -7.24 8.54
CA ARG A 263 12.19 -8.36 8.99
C ARG A 263 13.66 -8.26 8.57
N ASP A 264 13.98 -7.30 7.70
CA ASP A 264 15.36 -7.09 7.24
C ASP A 264 15.93 -5.78 7.79
N GLY A 265 15.43 -5.35 8.96
CA GLY A 265 15.89 -4.10 9.52
C GLY A 265 17.21 -4.10 10.25
N LYS A 266 18.02 -3.07 9.99
CA LYS A 266 19.32 -2.92 10.64
C LYS A 266 19.15 -2.85 12.15
N ALA A 267 18.13 -2.12 12.59
CA ALA A 267 17.87 -1.95 14.00
C ALA A 267 16.94 -3.02 14.50
N ASN A 268 16.76 -3.06 15.81
CA ASN A 268 15.87 -4.03 16.41
C ASN A 268 14.45 -3.47 16.33
N ILE A 269 13.47 -4.36 16.18
CA ILE A 269 12.07 -3.95 16.10
C ILE A 269 11.71 -3.00 17.26
N MET A 270 12.25 -3.29 18.44
CA MET A 270 11.98 -2.49 19.63
C MET A 270 12.42 -1.04 19.44
N GLN A 271 13.57 -0.86 18.79
CA GLN A 271 14.07 0.48 18.56
C GLN A 271 13.16 1.21 17.59
N TYR A 272 12.66 0.51 16.57
CA TYR A 272 11.78 1.13 15.59
C TYR A 272 10.45 1.55 16.23
N VAL A 273 9.89 0.66 17.02
CA VAL A 273 8.64 0.95 17.67
C VAL A 273 8.75 2.14 18.62
N GLY A 274 9.89 2.28 19.27
CA GLY A 274 10.07 3.38 20.21
C GLY A 274 10.09 4.74 19.52
N MET A 275 10.66 4.76 18.32
CA MET A 275 10.77 5.97 17.52
C MET A 275 9.49 6.27 16.73
N PHE A 276 8.85 5.22 16.20
CA PHE A 276 7.67 5.41 15.36
C PHE A 276 6.32 4.94 15.87
N GLY A 277 6.28 4.20 16.97
CA GLY A 277 5.01 3.73 17.45
C GLY A 277 4.78 2.32 16.93
N GLU A 278 3.62 1.74 17.24
CA GLU A 278 3.35 0.39 16.81
C GLU A 278 3.05 0.19 15.33
N ILE A 279 3.09 -1.07 14.92
CA ILE A 279 2.88 -1.49 13.54
C ILE A 279 1.43 -1.59 13.08
N PHE A 280 1.16 -1.06 11.90
CA PHE A 280 -0.17 -1.14 11.31
C PHE A 280 -0.08 -1.64 9.89
N LYS A 281 -0.61 -2.84 9.64
CA LYS A 281 -0.60 -3.38 8.29
C LYS A 281 -1.98 -3.10 7.73
N PRO A 282 -2.04 -2.27 6.67
CA PRO A 282 -3.33 -1.96 6.06
C PRO A 282 -3.95 -3.18 5.42
N VAL A 283 -3.12 -4.06 4.86
CA VAL A 283 -3.62 -5.27 4.21
C VAL A 283 -4.63 -5.93 5.16
N THR A 284 -5.87 -5.44 5.13
CA THR A 284 -6.95 -5.91 5.99
C THR A 284 -8.24 -5.78 5.19
N THR A 285 -9.11 -6.77 5.32
CA THR A 285 -10.36 -6.79 4.58
C THR A 285 -11.47 -7.51 5.34
N SER A 286 -12.11 -8.47 4.65
CA SER A 286 -13.19 -9.28 5.18
C SER A 286 -13.82 -10.11 4.07
N GLU A 296 -6.62 -12.90 0.48
CA GLU A 296 -7.13 -13.92 -0.42
C GLU A 296 -7.25 -13.39 -1.87
N LEU A 297 -8.45 -12.93 -2.25
CA LEU A 297 -8.62 -12.40 -3.59
C LEU A 297 -8.27 -10.92 -3.68
N LYS A 298 -7.59 -10.56 -4.75
CA LYS A 298 -7.22 -9.18 -5.00
C LYS A 298 -7.96 -8.85 -6.29
N ILE A 299 -8.81 -7.83 -6.26
CA ILE A 299 -9.57 -7.46 -7.46
C ILE A 299 -9.07 -6.19 -8.15
N ASN A 300 -8.89 -6.27 -9.46
CA ASN A 300 -8.43 -5.13 -10.25
C ASN A 300 -9.48 -4.72 -11.27
N SER A 301 -10.24 -3.68 -10.97
CA SER A 301 -11.25 -3.22 -11.92
C SER A 301 -10.60 -2.34 -12.98
N ILE A 302 -10.56 -2.83 -14.21
CA ILE A 302 -9.97 -2.07 -15.28
C ILE A 302 -11.02 -1.43 -16.19
N PHE A 303 -11.01 -0.11 -16.22
CA PHE A 303 -11.94 0.63 -17.06
C PHE A 303 -11.30 0.80 -18.42
N LEU A 304 -11.80 0.04 -19.38
CA LEU A 304 -11.30 0.09 -20.75
C LEU A 304 -12.13 1.11 -21.52
N ARG A 305 -11.57 2.29 -21.78
CA ARG A 305 -12.30 3.33 -22.49
C ARG A 305 -12.23 3.22 -24.02
N TYR A 306 -13.34 3.47 -24.67
CA TYR A 306 -13.42 3.38 -26.12
C TYR A 306 -13.40 4.75 -26.81
N PRO A 307 -13.16 4.78 -28.12
CA PRO A 307 -13.14 6.05 -28.84
C PRO A 307 -14.50 6.70 -28.74
N ASP A 308 -14.53 8.00 -28.49
CA ASP A 308 -15.80 8.71 -28.38
C ASP A 308 -16.74 8.42 -29.56
N GLU A 309 -16.18 8.21 -30.75
CA GLU A 309 -17.03 7.95 -31.89
C GLU A 309 -17.72 6.59 -31.82
N PHE A 310 -17.00 5.60 -31.28
CA PHE A 310 -17.52 4.25 -31.11
C PHE A 310 -18.69 4.36 -30.13
N THR A 311 -18.46 5.19 -29.12
CA THR A 311 -19.41 5.48 -28.06
C THR A 311 -20.76 5.96 -28.59
N THR A 312 -20.72 6.87 -29.55
CA THR A 312 -21.92 7.44 -30.13
C THR A 312 -22.68 6.50 -31.05
N LYS A 313 -21.97 5.57 -31.68
CA LYS A 313 -22.61 4.61 -32.57
C LYS A 313 -23.26 3.46 -31.80
N LEU A 314 -22.68 3.12 -30.65
CA LEU A 314 -23.19 2.05 -29.82
C LEU A 314 -24.51 2.40 -29.11
N LYS A 315 -24.65 3.67 -28.74
CA LYS A 315 -25.85 4.13 -28.04
C LYS A 315 -27.15 3.65 -28.69
N GLY A 316 -28.02 3.05 -27.90
CA GLY A 316 -29.27 2.56 -28.43
C GLY A 316 -29.28 1.07 -28.68
N LYS A 317 -28.14 0.41 -28.50
CA LYS A 317 -28.11 -1.02 -28.73
C LYS A 317 -28.43 -1.84 -27.48
N THR A 318 -29.23 -2.87 -27.66
CA THR A 318 -29.63 -3.72 -26.55
C THR A 318 -28.43 -4.45 -25.96
N TYR A 319 -28.62 -4.94 -24.74
CA TYR A 319 -27.59 -5.68 -24.02
C TYR A 319 -27.04 -6.84 -24.86
N GLN A 320 -27.94 -7.65 -25.41
CA GLN A 320 -27.56 -8.78 -26.24
C GLN A 320 -26.72 -8.31 -27.44
N GLU A 321 -27.12 -7.19 -28.05
CA GLU A 321 -26.36 -6.69 -29.19
C GLU A 321 -25.00 -6.20 -28.75
N GLU A 322 -24.97 -5.42 -27.67
CA GLU A 322 -23.73 -4.86 -27.15
C GLU A 322 -22.69 -5.94 -26.85
N ILE A 323 -23.12 -7.03 -26.23
CA ILE A 323 -22.18 -8.11 -25.91
C ILE A 323 -21.60 -8.71 -27.21
N LYS A 324 -22.46 -8.90 -28.20
CA LYS A 324 -22.01 -9.45 -29.48
C LYS A 324 -20.92 -8.55 -30.06
N ILE A 325 -21.22 -7.26 -30.14
CA ILE A 325 -20.30 -6.26 -30.69
C ILE A 325 -18.95 -6.12 -29.97
N ILE A 326 -19.00 -5.95 -28.65
CA ILE A 326 -17.80 -5.78 -27.86
C ILE A 326 -16.95 -7.04 -27.90
N THR A 327 -17.54 -8.17 -27.51
CA THR A 327 -16.81 -9.44 -27.50
C THR A 327 -16.13 -9.78 -28.81
N GLY A 328 -16.75 -9.39 -29.93
CA GLY A 328 -16.18 -9.72 -31.23
C GLY A 328 -15.15 -8.75 -31.73
N LEU A 329 -14.95 -7.65 -30.99
CA LEU A 329 -13.99 -6.62 -31.37
C LEU A 329 -12.56 -7.13 -31.33
N SER A 330 -11.91 -7.14 -32.48
CA SER A 330 -10.53 -7.61 -32.57
C SER A 330 -9.53 -6.86 -31.69
N LYS A 331 -9.66 -5.54 -31.58
CA LYS A 331 -8.74 -4.76 -30.75
C LYS A 331 -8.87 -5.12 -29.28
N ARG A 332 -10.08 -5.47 -28.85
CA ARG A 332 -10.29 -5.85 -27.46
C ARG A 332 -9.63 -7.19 -27.22
N ASN A 333 -9.70 -8.07 -28.22
CA ASN A 333 -9.07 -9.38 -28.10
C ASN A 333 -7.57 -9.20 -28.00
N LYS A 334 -7.03 -8.29 -28.81
CA LYS A 334 -5.59 -8.01 -28.78
C LYS A 334 -5.18 -7.43 -27.43
N TRP A 335 -5.97 -6.49 -26.93
CA TRP A 335 -5.67 -5.89 -25.63
C TRP A 335 -5.57 -6.96 -24.54
N ILE A 336 -6.54 -7.88 -24.52
CA ILE A 336 -6.57 -8.96 -23.53
C ILE A 336 -5.38 -9.88 -23.68
N ALA A 337 -5.08 -10.27 -24.92
CA ALA A 337 -3.94 -11.14 -25.19
C ALA A 337 -2.69 -10.48 -24.58
N LYS A 338 -2.48 -9.21 -24.91
CA LYS A 338 -1.33 -8.44 -24.41
C LYS A 338 -1.28 -8.46 -22.90
N LEU A 339 -2.42 -8.21 -22.26
CA LEU A 339 -2.47 -8.24 -20.81
C LEU A 339 -1.98 -9.59 -20.33
N ALA A 340 -2.49 -10.65 -20.95
CA ALA A 340 -2.10 -12.01 -20.56
C ALA A 340 -0.60 -12.22 -20.70
N ILE A 341 -0.08 -11.92 -21.88
CA ILE A 341 1.35 -12.09 -22.14
C ILE A 341 2.15 -11.31 -21.09
N LYS A 342 1.93 -10.01 -21.04
CA LYS A 342 2.60 -9.15 -20.08
C LYS A 342 2.66 -9.83 -18.71
N LEU A 343 1.51 -10.32 -18.23
CA LEU A 343 1.45 -10.98 -16.93
C LEU A 343 2.31 -12.24 -16.87
N ALA A 344 2.31 -13.02 -17.94
CA ALA A 344 3.08 -14.26 -17.96
C ALA A 344 4.57 -13.98 -17.92
N GLN A 345 5.01 -13.00 -18.71
CA GLN A 345 6.42 -12.63 -18.78
C GLN A 345 7.04 -12.38 -17.41
N LYS A 346 6.19 -12.18 -16.40
CA LYS A 346 6.66 -11.98 -15.03
C LYS A 346 6.77 -13.34 -14.35
N ASP A 347 6.90 -14.38 -15.16
CA ASP A 347 7.00 -15.74 -14.65
C ASP A 347 5.83 -16.06 -13.75
N GLU A 348 4.65 -15.62 -14.17
CA GLU A 348 3.43 -15.86 -13.42
C GLU A 348 2.38 -16.50 -14.32
N ASN A 349 1.48 -17.26 -13.72
CA ASN A 349 0.44 -17.94 -14.47
C ASN A 349 -0.88 -17.19 -14.48
N ALA A 350 -1.49 -17.11 -15.67
CA ALA A 350 -2.76 -16.42 -15.86
C ALA A 350 -3.83 -17.31 -16.47
N PHE A 351 -5.08 -17.04 -16.09
CA PHE A 351 -6.26 -17.75 -16.56
C PHE A 351 -7.12 -16.74 -17.31
N VAL A 352 -7.35 -16.95 -18.60
CA VAL A 352 -8.21 -16.04 -19.33
C VAL A 352 -9.58 -16.69 -19.47
N MET A 353 -10.56 -16.14 -18.78
CA MET A 353 -11.91 -16.69 -18.80
C MET A 353 -12.72 -16.16 -19.96
N PHE A 354 -13.36 -17.08 -20.67
CA PHE A 354 -14.22 -16.70 -21.78
C PHE A 354 -15.48 -17.55 -21.72
N LYS A 355 -16.51 -17.10 -22.42
CA LYS A 355 -17.77 -17.82 -22.46
C LYS A 355 -17.96 -18.53 -23.80
N HIS A 356 -17.92 -17.78 -24.90
CA HIS A 356 -18.09 -18.36 -26.22
C HIS A 356 -16.79 -18.79 -26.88
N VAL A 357 -16.78 -20.02 -27.41
CA VAL A 357 -15.62 -20.60 -28.04
C VAL A 357 -14.97 -19.77 -29.15
N SER A 358 -15.79 -19.08 -29.94
CA SER A 358 -15.25 -18.25 -31.00
C SER A 358 -14.39 -17.15 -30.39
N HIS A 359 -14.76 -16.72 -29.20
CA HIS A 359 -14.05 -15.68 -28.46
C HIS A 359 -12.75 -16.26 -27.88
N GLY A 360 -12.88 -17.37 -27.18
CA GLY A 360 -11.73 -18.02 -26.57
C GLY A 360 -10.64 -18.32 -27.58
N LYS A 361 -11.02 -18.97 -28.67
CA LYS A 361 -10.03 -19.31 -29.69
C LYS A 361 -9.41 -18.06 -30.30
N ALA A 362 -10.22 -17.03 -30.50
CA ALA A 362 -9.73 -15.78 -31.06
C ALA A 362 -8.60 -15.25 -30.18
N ILE A 363 -8.85 -15.24 -28.88
CA ILE A 363 -7.87 -14.75 -27.93
C ILE A 363 -6.65 -15.68 -27.90
N PHE A 364 -6.91 -16.98 -27.85
CA PHE A 364 -5.84 -17.96 -27.83
C PHE A 364 -4.87 -17.83 -29.01
N ASP A 365 -5.41 -17.63 -30.21
CA ASP A 365 -4.59 -17.49 -31.41
C ASP A 365 -3.74 -16.23 -31.45
N LEU A 366 -4.18 -15.17 -30.79
CA LEU A 366 -3.41 -13.93 -30.78
C LEU A 366 -2.20 -14.15 -29.90
N ILE A 367 -2.42 -14.75 -28.74
CA ILE A 367 -1.35 -15.03 -27.82
C ILE A 367 -0.32 -15.93 -28.49
N LYS A 368 -0.75 -17.11 -28.91
CA LYS A 368 0.13 -18.09 -29.54
C LYS A 368 1.01 -17.49 -30.66
N ASN A 369 0.47 -16.54 -31.39
CA ASN A 369 1.22 -15.90 -32.47
C ASN A 369 2.24 -14.92 -31.89
N GLU A 370 2.59 -15.10 -30.63
CA GLU A 370 3.54 -14.21 -29.95
C GLU A 370 4.08 -14.79 -28.64
N TYR A 371 3.55 -15.93 -28.23
CA TYR A 371 3.97 -16.55 -26.98
C TYR A 371 3.65 -18.04 -27.06
N ASP A 372 4.60 -18.88 -26.64
CA ASP A 372 4.41 -20.33 -26.72
C ASP A 372 3.65 -21.00 -25.58
N LYS A 373 4.06 -20.75 -24.34
CA LYS A 373 3.39 -21.36 -23.21
C LYS A 373 1.93 -20.91 -23.08
N VAL A 374 1.08 -21.38 -23.98
CA VAL A 374 -0.34 -21.04 -23.97
C VAL A 374 -1.14 -22.30 -24.24
N TYR A 375 -2.22 -22.49 -23.47
CA TYR A 375 -3.05 -23.67 -23.63
C TYR A 375 -4.53 -23.31 -23.67
N TYR A 376 -5.25 -23.89 -24.63
CA TYR A 376 -6.68 -23.66 -24.75
C TYR A 376 -7.35 -24.78 -23.97
N VAL A 377 -8.36 -24.45 -23.18
CA VAL A 377 -9.00 -25.49 -22.39
C VAL A 377 -10.52 -25.38 -22.33
N SER A 378 -11.17 -26.44 -22.77
CA SER A 378 -12.63 -26.55 -22.76
C SER A 378 -13.01 -27.85 -23.46
N GLY A 379 -12.09 -28.32 -24.29
CA GLY A 379 -12.30 -29.54 -25.05
C GLY A 379 -11.52 -30.68 -24.39
N GLU A 380 -11.56 -31.86 -24.99
CA GLU A 380 -10.84 -33.02 -24.46
C GLU A 380 -10.87 -32.92 -22.92
N VAL A 381 -12.05 -32.50 -22.47
CA VAL A 381 -12.43 -32.23 -21.10
C VAL A 381 -11.59 -32.74 -19.92
N ASP A 382 -10.99 -33.92 -20.03
CA ASP A 382 -10.23 -34.43 -18.89
C ASP A 382 -8.77 -34.81 -19.07
N THR A 383 -8.52 -35.88 -19.83
CA THR A 383 -7.15 -36.35 -20.03
C THR A 383 -6.15 -35.22 -20.30
N GLU A 384 -6.44 -34.40 -21.31
CA GLU A 384 -5.55 -33.28 -21.66
C GLU A 384 -5.78 -32.08 -20.71
N THR A 385 -6.94 -32.06 -20.07
CA THR A 385 -7.29 -30.98 -19.13
C THR A 385 -6.51 -31.04 -17.82
N ARG A 386 -6.48 -32.21 -17.18
CA ARG A 386 -5.76 -32.37 -15.93
C ARG A 386 -4.26 -32.39 -16.21
N ASN A 387 -3.92 -32.71 -17.45
CA ASN A 387 -2.53 -32.76 -17.89
C ASN A 387 -1.95 -31.36 -17.70
N ILE A 388 -2.69 -30.37 -18.18
CA ILE A 388 -2.29 -28.96 -18.08
C ILE A 388 -2.39 -28.53 -16.62
N MET A 389 -3.51 -28.87 -15.99
CA MET A 389 -3.78 -28.54 -14.60
C MET A 389 -2.70 -29.11 -13.68
N LYS A 390 -1.93 -30.06 -14.20
CA LYS A 390 -0.84 -30.67 -13.44
C LYS A 390 0.48 -29.98 -13.83
N THR A 391 0.56 -29.55 -15.09
CA THR A 391 1.75 -28.85 -15.60
C THR A 391 1.92 -27.57 -14.78
N LEU A 392 0.79 -27.01 -14.36
CA LEU A 392 0.74 -25.78 -13.57
C LEU A 392 0.98 -26.11 -12.09
N ALA A 393 0.21 -27.06 -11.58
CA ALA A 393 0.33 -27.49 -10.18
C ALA A 393 1.78 -27.84 -9.82
N GLU A 394 2.50 -28.42 -10.78
CA GLU A 394 3.90 -28.79 -10.56
C GLU A 394 4.60 -27.51 -10.12
N ASN A 395 5.06 -26.74 -11.11
CA ASN A 395 5.69 -25.45 -10.86
C ASN A 395 6.19 -24.82 -12.15
N GLY A 396 5.26 -24.67 -13.10
CA GLY A 396 5.59 -24.04 -14.36
C GLY A 396 5.35 -22.56 -14.19
N LYS A 397 6.10 -21.75 -14.91
CA LYS A 397 5.93 -20.31 -14.81
C LYS A 397 5.81 -19.66 -16.18
N GLY A 398 4.90 -18.69 -16.29
CA GLY A 398 4.68 -18.00 -17.54
C GLY A 398 3.67 -18.78 -18.37
N ILE A 399 2.80 -19.51 -17.67
CA ILE A 399 1.78 -20.32 -18.32
C ILE A 399 0.43 -19.60 -18.44
N ILE A 400 0.03 -19.28 -19.66
CA ILE A 400 -1.26 -18.63 -19.87
C ILE A 400 -2.22 -19.72 -20.31
N ILE A 401 -3.30 -19.91 -19.56
CA ILE A 401 -4.26 -20.91 -19.96
C ILE A 401 -5.59 -20.23 -20.24
N VAL A 402 -6.10 -20.45 -21.46
CA VAL A 402 -7.38 -19.89 -21.91
C VAL A 402 -8.48 -20.91 -21.71
N ALA A 403 -9.34 -20.70 -20.70
CA ALA A 403 -10.40 -21.66 -20.44
C ALA A 403 -11.77 -21.01 -20.34
N SER A 404 -12.80 -21.84 -20.27
CA SER A 404 -14.16 -21.34 -20.16
C SER A 404 -14.57 -21.42 -18.69
N TYR A 405 -15.57 -20.63 -18.30
CA TYR A 405 -16.02 -20.63 -16.90
C TYR A 405 -16.41 -22.03 -16.47
N GLY A 406 -16.88 -22.82 -17.43
CA GLY A 406 -17.27 -24.19 -17.11
C GLY A 406 -16.09 -24.99 -16.63
N VAL A 407 -15.10 -25.15 -17.50
CA VAL A 407 -13.90 -25.90 -17.19
C VAL A 407 -13.38 -25.68 -15.77
N PHE A 408 -12.94 -24.46 -15.50
CA PHE A 408 -12.36 -24.13 -14.21
C PHE A 408 -13.28 -24.21 -12.98
N SER A 409 -14.59 -24.35 -13.21
CA SER A 409 -15.53 -24.46 -12.08
C SER A 409 -15.62 -25.91 -11.62
N THR A 410 -15.84 -26.81 -12.57
CA THR A 410 -15.97 -28.25 -12.31
C THR A 410 -14.67 -28.93 -11.85
N GLY A 411 -13.86 -29.39 -12.80
CA GLY A 411 -12.61 -30.05 -12.45
C GLY A 411 -11.64 -29.05 -11.84
N ILE A 412 -11.45 -29.13 -10.52
CA ILE A 412 -10.58 -28.18 -9.83
C ILE A 412 -9.24 -28.74 -9.30
N SER A 413 -8.36 -27.81 -8.95
CA SER A 413 -7.02 -28.10 -8.40
C SER A 413 -6.25 -26.78 -8.46
N VAL A 414 -6.03 -26.31 -9.69
CA VAL A 414 -5.34 -25.05 -9.99
C VAL A 414 -4.53 -24.49 -8.82
N LYS A 415 -3.26 -24.86 -8.75
CA LYS A 415 -2.42 -24.39 -7.67
C LYS A 415 -1.79 -23.01 -7.90
N ASN A 416 -0.70 -22.98 -8.67
CA ASN A 416 0.02 -21.74 -8.95
C ASN A 416 -0.72 -20.63 -9.68
N LEU A 417 -2.05 -20.56 -9.54
CA LEU A 417 -2.80 -19.52 -10.24
C LEU A 417 -2.62 -18.13 -9.66
N HIS A 418 -1.90 -17.27 -10.39
CA HIS A 418 -1.62 -15.90 -9.96
C HIS A 418 -2.66 -14.91 -10.47
N HIS A 419 -3.16 -15.13 -11.69
CA HIS A 419 -4.12 -14.22 -12.28
C HIS A 419 -5.30 -14.88 -12.98
N VAL A 420 -6.44 -14.20 -12.91
CA VAL A 420 -7.67 -14.65 -13.56
C VAL A 420 -8.20 -13.42 -14.27
N VAL A 421 -8.23 -13.48 -15.60
CA VAL A 421 -8.72 -12.37 -16.41
C VAL A 421 -10.11 -12.65 -16.96
N LEU A 422 -11.11 -11.94 -16.45
CA LEU A 422 -12.48 -12.13 -16.93
C LEU A 422 -12.62 -11.44 -18.27
N ALA A 423 -12.48 -12.19 -19.35
CA ALA A 423 -12.57 -11.63 -20.69
C ALA A 423 -14.02 -11.43 -21.09
N HIS A 424 -14.93 -12.07 -20.38
CA HIS A 424 -16.34 -11.93 -20.66
C HIS A 424 -16.99 -11.40 -19.40
N GLY A 425 -17.05 -10.07 -19.32
CA GLY A 425 -17.63 -9.42 -18.17
C GLY A 425 -18.88 -10.11 -17.70
N VAL A 426 -19.00 -10.23 -16.38
CA VAL A 426 -20.16 -10.86 -15.76
C VAL A 426 -21.32 -9.89 -15.89
N LYS A 427 -22.29 -10.02 -14.99
CA LYS A 427 -23.44 -9.14 -15.03
C LYS A 427 -23.25 -8.16 -13.87
N SER A 428 -24.33 -7.90 -13.13
CA SER A 428 -24.24 -6.99 -12.00
C SER A 428 -23.94 -7.74 -10.72
N LYS A 429 -23.80 -9.06 -10.82
CA LYS A 429 -23.52 -9.91 -9.68
C LYS A 429 -22.04 -10.27 -9.64
N ILE A 430 -21.57 -10.69 -8.49
CA ILE A 430 -20.17 -11.04 -8.31
C ILE A 430 -19.92 -12.48 -7.88
N ILE A 431 -20.92 -13.33 -8.05
CA ILE A 431 -20.81 -14.74 -7.66
C ILE A 431 -19.53 -15.38 -8.21
N VAL A 432 -19.21 -15.06 -9.46
CA VAL A 432 -18.01 -15.59 -10.10
C VAL A 432 -16.80 -15.51 -9.18
N LEU A 433 -16.73 -14.45 -8.38
CA LEU A 433 -15.62 -14.30 -7.45
C LEU A 433 -15.70 -15.40 -6.40
N GLN A 434 -16.89 -15.64 -5.88
CA GLN A 434 -17.08 -16.67 -4.87
C GLN A 434 -16.58 -17.98 -5.44
N THR A 435 -16.94 -18.22 -6.69
CA THR A 435 -16.51 -19.43 -7.38
C THR A 435 -14.99 -19.48 -7.43
N ILE A 436 -14.37 -18.48 -8.04
CA ILE A 436 -12.92 -18.44 -8.14
C ILE A 436 -12.32 -18.65 -6.75
N GLY A 437 -12.81 -17.87 -5.78
CA GLY A 437 -12.33 -17.98 -4.42
C GLY A 437 -12.46 -19.41 -3.92
N ARG A 438 -13.64 -19.99 -4.11
CA ARG A 438 -13.88 -21.36 -3.70
C ARG A 438 -12.85 -22.32 -4.31
N VAL A 439 -12.89 -22.45 -5.63
CA VAL A 439 -11.98 -23.35 -6.35
C VAL A 439 -10.52 -23.26 -5.94
N LEU A 440 -10.03 -22.05 -5.71
CA LEU A 440 -8.64 -21.87 -5.33
C LEU A 440 -8.34 -22.29 -3.89
N ARG A 441 -9.33 -22.10 -3.01
CA ARG A 441 -9.19 -22.46 -1.59
C ARG A 441 -9.84 -23.82 -1.34
N LYS A 442 -9.67 -24.73 -2.30
CA LYS A 442 -10.23 -26.07 -2.20
C LYS A 442 -9.10 -27.09 -2.27
N HIS A 443 -8.37 -27.08 -3.39
CA HIS A 443 -7.25 -28.00 -3.59
C HIS A 443 -5.89 -27.32 -3.61
N GLY A 444 -5.85 -26.07 -4.06
CA GLY A 444 -4.59 -25.35 -4.12
C GLY A 444 -4.39 -24.20 -3.15
N SER A 445 -3.17 -23.66 -3.14
CA SER A 445 -2.83 -22.54 -2.28
C SER A 445 -2.06 -21.46 -3.06
N LYS A 446 -1.79 -20.36 -2.36
CA LYS A 446 -1.12 -19.17 -2.88
C LYS A 446 -2.25 -18.19 -2.59
N THR A 447 -3.46 -18.66 -2.90
CA THR A 447 -4.74 -17.98 -2.72
C THR A 447 -4.73 -16.44 -2.76
N ILE A 448 -3.57 -15.85 -3.06
CA ILE A 448 -3.42 -14.41 -3.16
C ILE A 448 -3.35 -14.07 -4.64
N ALA A 449 -4.32 -14.61 -5.38
CA ALA A 449 -4.42 -14.37 -6.81
C ALA A 449 -5.20 -13.08 -7.01
N THR A 450 -4.89 -12.40 -8.10
CA THR A 450 -5.60 -11.17 -8.43
C THR A 450 -6.51 -11.40 -9.63
N VAL A 451 -7.76 -10.96 -9.50
CA VAL A 451 -8.76 -11.09 -10.55
C VAL A 451 -8.91 -9.78 -11.32
N TRP A 452 -8.72 -9.85 -12.63
CA TRP A 452 -8.87 -8.66 -13.45
C TRP A 452 -10.27 -8.54 -14.00
N ASP A 453 -11.05 -7.66 -13.39
CA ASP A 453 -12.42 -7.43 -13.83
C ASP A 453 -12.44 -6.33 -14.89
N LEU A 454 -12.63 -6.72 -16.14
CA LEU A 454 -12.65 -5.74 -17.23
C LEU A 454 -14.02 -5.11 -17.43
N ILE A 455 -14.05 -3.79 -17.36
CA ILE A 455 -15.28 -3.05 -17.55
C ILE A 455 -15.10 -2.32 -18.86
N ASP A 456 -16.02 -2.53 -19.79
CA ASP A 456 -15.94 -1.88 -21.08
C ASP A 456 -16.66 -0.55 -20.99
N ASP A 457 -15.88 0.52 -20.89
CA ASP A 457 -16.42 1.88 -20.77
C ASP A 457 -16.64 2.54 -22.12
N ALA A 458 -17.87 2.47 -22.60
CA ALA A 458 -18.24 3.08 -23.87
C ALA A 458 -19.33 4.11 -23.58
N GLY A 459 -19.21 4.78 -22.44
CA GLY A 459 -20.20 5.77 -22.06
C GLY A 459 -20.11 7.01 -22.93
N VAL A 460 -21.21 7.72 -23.11
CA VAL A 460 -21.24 8.91 -23.94
C VAL A 460 -21.03 10.20 -23.14
N LYS A 461 -19.99 10.95 -23.51
CA LYS A 461 -19.69 12.21 -22.84
C LYS A 461 -20.77 13.23 -23.16
N PRO A 462 -21.03 14.15 -22.25
CA PRO A 462 -22.06 15.17 -22.49
C PRO A 462 -21.60 16.20 -23.52
N LYS A 463 -22.56 16.77 -24.24
CA LYS A 463 -22.24 17.78 -25.25
C LYS A 463 -21.59 19.00 -24.57
N SER A 464 -22.30 19.57 -23.60
CA SER A 464 -21.80 20.73 -22.88
C SER A 464 -20.78 20.38 -21.81
N ALA A 465 -19.97 21.37 -21.44
CA ALA A 465 -18.95 21.17 -20.41
C ALA A 465 -19.51 21.61 -19.07
N ASN A 466 -20.69 22.22 -19.09
CA ASN A 466 -21.34 22.68 -17.86
C ASN A 466 -22.18 21.57 -17.24
N THR A 467 -22.03 20.35 -17.73
CA THR A 467 -22.77 19.23 -17.19
C THR A 467 -21.96 18.57 -16.09
N LYS A 468 -22.60 18.39 -14.93
CA LYS A 468 -21.94 17.80 -13.78
C LYS A 468 -21.95 16.27 -13.82
N LYS A 469 -22.00 15.71 -15.02
CA LYS A 469 -21.98 14.26 -15.16
C LYS A 469 -20.73 13.90 -15.95
N LYS A 470 -20.21 12.71 -15.74
CA LYS A 470 -19.05 12.27 -16.50
C LYS A 470 -19.56 11.77 -17.86
N TYR A 471 -20.68 11.04 -17.81
CA TYR A 471 -21.31 10.51 -19.02
C TYR A 471 -22.79 10.85 -18.99
N VAL A 472 -23.37 10.98 -20.17
CA VAL A 472 -24.77 11.32 -20.30
C VAL A 472 -25.55 10.03 -20.55
N HIS A 473 -24.85 9.02 -21.04
CA HIS A 473 -25.43 7.74 -21.37
C HIS A 473 -24.43 6.65 -21.04
N LEU A 474 -24.93 5.53 -20.53
CA LEU A 474 -24.07 4.40 -20.19
C LEU A 474 -24.41 3.20 -21.05
N ASN A 475 -23.37 2.50 -21.54
CA ASN A 475 -23.61 1.29 -22.31
C ASN A 475 -23.85 0.28 -21.18
N TYR A 476 -24.38 -0.88 -21.50
CA TYR A 476 -24.67 -1.86 -20.44
C TYR A 476 -23.48 -2.40 -19.66
N LEU A 477 -22.40 -2.73 -20.35
CA LEU A 477 -21.23 -3.27 -19.67
C LEU A 477 -20.65 -2.28 -18.67
N LEU A 478 -20.90 -0.99 -18.86
CA LEU A 478 -20.39 -0.01 -17.92
C LEU A 478 -21.28 0.02 -16.68
N LYS A 479 -22.60 0.00 -16.88
CA LYS A 479 -23.56 -0.01 -15.76
C LYS A 479 -23.24 -1.19 -14.85
N HIS A 480 -23.07 -2.34 -15.47
CA HIS A 480 -22.75 -3.58 -14.77
C HIS A 480 -21.45 -3.46 -13.98
N GLY A 481 -20.40 -2.95 -14.63
CA GLY A 481 -19.13 -2.79 -13.96
C GLY A 481 -19.28 -1.89 -12.74
N ILE A 482 -20.09 -0.86 -12.88
CA ILE A 482 -20.29 0.04 -11.75
C ILE A 482 -21.08 -0.69 -10.67
N ASP A 483 -22.07 -1.49 -11.06
CA ASP A 483 -22.84 -2.25 -10.07
C ASP A 483 -21.90 -3.19 -9.34
N ARG A 484 -20.92 -3.73 -10.06
CA ARG A 484 -19.95 -4.65 -9.48
C ARG A 484 -19.03 -3.94 -8.50
N ILE A 485 -18.64 -2.71 -8.83
CA ILE A 485 -17.76 -1.93 -7.96
C ILE A 485 -18.47 -1.59 -6.67
N GLN A 486 -19.74 -1.23 -6.76
CA GLN A 486 -20.51 -0.90 -5.57
C GLN A 486 -20.64 -2.14 -4.69
N ARG A 487 -20.70 -3.32 -5.33
CA ARG A 487 -20.83 -4.55 -4.59
C ARG A 487 -19.52 -4.90 -3.89
N TYR A 488 -18.38 -4.63 -4.54
CA TYR A 488 -17.08 -4.91 -3.92
C TYR A 488 -16.90 -4.07 -2.67
N ALA A 489 -17.36 -2.82 -2.75
CA ALA A 489 -17.23 -1.90 -1.64
C ALA A 489 -18.09 -2.36 -0.47
N ASP A 490 -19.35 -2.68 -0.76
CA ASP A 490 -20.25 -3.14 0.29
C ASP A 490 -19.70 -4.39 0.97
N GLU A 491 -19.25 -5.35 0.16
CA GLU A 491 -18.70 -6.59 0.67
C GLU A 491 -17.28 -6.40 1.22
N LYS A 492 -16.82 -5.15 1.23
CA LYS A 492 -15.50 -4.80 1.71
C LYS A 492 -14.40 -5.72 1.17
N PHE A 493 -14.34 -5.83 -0.15
CA PHE A 493 -13.32 -6.65 -0.82
C PHE A 493 -12.07 -5.82 -1.03
N ASN A 494 -11.00 -6.48 -1.43
CA ASN A 494 -9.72 -5.84 -1.70
C ASN A 494 -9.68 -5.45 -3.18
N TYR A 495 -10.28 -4.31 -3.52
CA TYR A 495 -10.30 -3.90 -4.93
C TYR A 495 -9.67 -2.55 -5.24
N VAL A 496 -9.18 -2.44 -6.47
CA VAL A 496 -8.52 -1.27 -6.99
C VAL A 496 -9.10 -0.94 -8.37
N MET A 497 -9.03 0.32 -8.78
CA MET A 497 -9.56 0.69 -10.08
C MET A 497 -8.50 1.32 -10.95
N LYS A 498 -8.52 0.99 -12.24
CA LYS A 498 -7.56 1.54 -13.18
C LYS A 498 -8.27 1.86 -14.47
N THR A 499 -7.83 2.91 -15.14
CA THR A 499 -8.41 3.32 -16.42
C THR A 499 -7.35 3.16 -17.49
N VAL A 500 -7.78 2.70 -18.65
CA VAL A 500 -6.88 2.48 -19.76
C VAL A 500 -7.65 2.67 -21.05
N ASN A 501 -7.08 3.44 -21.98
CA ASN A 501 -7.74 3.64 -23.27
C ASN A 501 -7.48 2.38 -24.08
N LEU A 502 -8.49 1.90 -24.79
CA LEU A 502 -8.31 0.71 -25.59
C LEU A 502 -7.28 1.00 -26.68
N LEU A 503 -7.33 2.19 -27.25
CA LEU A 503 -6.38 2.56 -28.29
C LEU A 503 -5.18 3.31 -27.72
#